data_7FMG
#
_entry.id   7FMG
#
_cell.length_a   89.686
_cell.length_b   82.09
_cell.length_c   93.033
_cell.angle_alpha   90
_cell.angle_beta   108.25
_cell.angle_gamma   90
#
_symmetry.space_group_name_H-M   'C 1 2 1'
#
loop_
_entity.id
_entity.type
_entity.pdbx_description
1 polymer 'Pre-mRNA-splicing factor 8'
2 polymer 'A1 cistron-splicing factor AAR2'
3 non-polymer N-[2-(thiophen-2-yl)ethyl]pyridine-3-carboxamide
4 water water
#
loop_
_entity_poly.entity_id
_entity_poly.type
_entity_poly.pdbx_seq_one_letter_code
_entity_poly.pdbx_strand_id
1 'polypeptide(L)'
;GAMNSSNYAELFNNDIKLFVDDTNVYRVTVHKTFEGNVATKAINGCIFTLNPKTGHLFLKIIHTSVWAGQKRLSQLAKWK
TAEEVSALVRSLPKEEQPKQIIVTRKAMLDPLEVHMLDFPNIAIRPTELRLPFSAAMSIDKLSDVVMKATEPQMVLFNIY
DDWLDRISSYTAFSRLTLLLRALKTNEESAKMILLSDPTITIKSYHLWPSFTDEQWITIESQMRDLILTEYGRKYNVNIS
ALTQTEIKDIILGQNIKA
;
A
2 'polypeptide(L)'
;GAMAMNTVPFTSAPIEVTIGIDQYSFNVKENQPFHGIKDIPIGHVHVIHFQHADNSSMRYGYWFDCRMGNFYIQYDPKDG
LYKMMEERDGAKFENIVHNFKERQMMVSYPKIDEDDTWYNLTEFVQMDKIRKIVRKDENQFSYVDSSMTTVQENELSSSS
SDPAHSLNYTVINFKSREAIRPGHEMEDFLDKSYYLNTVMLQGIFKNSSNYFGELQFAFLNAMFFGNYGSSLQWHAMIEL
ICSSATVPKHMLDKLDEILYYQIKTLPEQYSDILLNERVWNICLYSSFQKNSLHNTEKIMENKYPELL
;
B
#
loop_
_chem_comp.id
_chem_comp.type
_chem_comp.name
_chem_comp.formula
VV5 non-polymer N-[2-(thiophen-2-yl)ethyl]pyridine-3-carboxamide 'C12 H12 N2 O S'
#
# COMPACT_ATOMS: atom_id res chain seq x y z
N GLY A 1 7.18 8.04 -12.21
CA GLY A 1 8.04 7.16 -11.44
C GLY A 1 9.27 7.84 -10.87
N ALA A 2 10.37 7.11 -10.77
CA ALA A 2 11.58 7.67 -10.16
C ALA A 2 12.33 8.56 -11.13
N MET A 3 12.99 9.56 -10.58
CA MET A 3 13.83 10.48 -11.33
C MET A 3 15.26 9.95 -11.29
N ASN A 4 15.89 9.82 -12.47
CA ASN A 4 17.26 9.31 -12.56
C ASN A 4 17.97 9.96 -13.74
N SER A 5 19.18 9.48 -14.04
CA SER A 5 20.03 10.14 -15.03
C SER A 5 19.39 10.25 -16.40
N SER A 6 18.41 9.40 -16.69
CA SER A 6 17.88 9.32 -18.04
C SER A 6 16.83 10.40 -18.31
N ASN A 7 16.06 10.78 -17.31
CA ASN A 7 15.06 11.84 -17.46
C ASN A 7 15.50 13.07 -16.67
N TYR A 8 16.77 13.44 -16.79
CA TYR A 8 17.35 14.49 -15.98
C TYR A 8 16.92 15.87 -16.46
N ALA A 9 16.75 16.03 -17.78
CA ALA A 9 16.37 17.35 -18.28
C ALA A 9 14.94 17.74 -17.92
N GLU A 10 14.10 16.85 -17.44
CA GLU A 10 12.76 17.28 -17.03
C GLU A 10 12.75 18.32 -15.90
N LEU A 11 13.78 18.35 -15.11
CA LEU A 11 13.89 19.34 -14.04
C LEU A 11 13.77 20.79 -14.52
N PHE A 12 14.16 21.03 -15.76
CA PHE A 12 14.27 22.38 -16.32
C PHE A 12 13.20 22.70 -17.36
N ASN A 13 12.18 21.85 -17.50
CA ASN A 13 11.04 22.24 -18.33
C ASN A 13 10.14 23.21 -17.59
N ASN A 14 9.01 23.55 -18.17
CA ASN A 14 8.16 24.59 -17.61
C ASN A 14 7.03 24.08 -16.70
N ASP A 15 6.99 22.80 -16.38
CA ASP A 15 6.12 22.28 -15.33
C ASP A 15 6.72 22.61 -13.96
N ILE A 16 5.99 23.37 -13.17
CA ILE A 16 6.51 23.71 -11.84
C ILE A 16 6.72 22.42 -11.06
N LYS A 17 7.93 22.25 -10.46
CA LYS A 17 8.24 21.15 -9.54
C LYS A 17 9.12 21.65 -8.39
N LEU A 18 9.03 20.93 -7.27
CA LEU A 18 9.92 21.16 -6.13
C LEU A 18 10.67 19.89 -5.74
N PHE A 19 11.93 20.06 -5.34
CA PHE A 19 12.67 19.05 -4.63
C PHE A 19 12.42 19.29 -3.13
N VAL A 20 12.15 18.24 -2.36
CA VAL A 20 12.09 18.37 -0.89
C VAL A 20 13.12 17.45 -0.31
N ASP A 21 14.01 17.98 0.53
CA ASP A 21 14.99 17.17 1.27
C ASP A 21 14.76 17.33 2.76
N ASP A 22 14.74 16.21 3.48
CA ASP A 22 14.47 16.20 4.92
C ASP A 22 15.65 15.78 5.77
N THR A 23 16.88 15.77 5.24
N THR A 23 16.88 15.77 5.24
CA THR A 23 18.04 15.28 5.97
CA THR A 23 18.03 15.26 5.97
C THR A 23 18.29 16.13 7.22
C THR A 23 18.49 16.17 7.09
N ASN A 24 18.05 17.42 7.10
CA ASN A 24 18.48 18.35 8.15
C ASN A 24 17.35 18.77 9.08
N VAL A 25 16.17 18.15 8.99
CA VAL A 25 15.01 18.50 9.81
C VAL A 25 15.25 18.14 11.27
N TYR A 26 15.67 16.94 11.54
CA TYR A 26 15.86 16.43 12.89
C TYR A 26 17.34 16.27 13.13
N ARG A 27 17.88 17.17 13.91
CA ARG A 27 19.31 17.17 14.15
C ARG A 27 19.67 17.12 15.64
N VAL A 28 20.72 16.37 15.97
CA VAL A 28 21.11 16.22 17.37
C VAL A 28 22.62 16.32 17.54
N THR A 29 23.02 16.64 18.78
CA THR A 29 24.35 16.35 19.29
C THR A 29 24.23 15.23 20.31
N VAL A 30 25.24 14.39 20.39
CA VAL A 30 25.23 13.24 21.28
C VAL A 30 26.29 13.49 22.33
N HIS A 31 25.95 13.29 23.59
CA HIS A 31 26.88 13.62 24.66
C HIS A 31 26.71 12.64 25.81
N LYS A 32 27.71 12.64 26.69
CA LYS A 32 27.66 11.82 27.89
C LYS A 32 26.91 12.55 29.01
N THR A 33 26.12 11.80 29.78
CA THR A 33 25.46 12.33 30.97
C THR A 33 26.39 12.23 32.17
N PHE A 34 25.98 12.91 33.26
CA PHE A 34 26.82 12.88 34.44
C PHE A 34 27.07 11.45 34.85
N GLU A 35 26.04 10.62 34.76
CA GLU A 35 26.13 9.22 35.18
C GLU A 35 26.91 8.35 34.22
N GLY A 36 27.44 8.91 33.12
CA GLY A 36 28.16 8.16 32.12
C GLY A 36 27.29 7.49 31.08
N ASN A 37 26.00 7.81 31.02
CA ASN A 37 25.14 7.34 29.96
C ASN A 37 25.26 8.31 28.78
N VAL A 38 24.52 8.03 27.72
CA VAL A 38 24.52 8.88 26.53
C VAL A 38 23.13 9.44 26.34
N ALA A 39 23.08 10.71 25.98
CA ALA A 39 21.86 11.41 25.68
C ALA A 39 22.09 12.25 24.45
N THR A 40 20.99 12.58 23.78
CA THR A 40 20.99 13.49 22.64
C THR A 40 20.43 14.83 23.11
N LYS A 41 20.93 15.90 22.48
CA LYS A 41 20.32 17.22 22.59
C LYS A 41 19.97 17.67 21.17
N ALA A 42 18.68 17.94 20.91
CA ALA A 42 18.27 18.35 19.55
C ALA A 42 18.76 19.78 19.27
N ILE A 43 19.08 20.08 18.00
CA ILE A 43 19.38 21.49 17.66
C ILE A 43 18.49 21.91 16.51
N ASN A 44 18.49 23.18 16.17
CA ASN A 44 17.50 23.59 15.19
C ASN A 44 17.76 22.92 13.85
N GLY A 45 16.67 22.69 13.15
CA GLY A 45 16.75 22.17 11.80
C GLY A 45 16.09 23.15 10.81
N CYS A 46 15.99 22.50 9.59
CA CYS A 46 15.35 23.01 8.39
C CYS A 46 14.87 21.98 7.32
N ILE A 47 13.76 22.33 6.66
CA ILE A 47 13.30 21.67 5.44
C ILE A 47 13.89 22.45 4.26
N PHE A 48 14.56 21.70 3.41
CA PHE A 48 15.18 22.23 2.19
C PHE A 48 14.19 21.89 1.07
N THR A 49 13.41 22.88 0.60
CA THR A 49 12.48 22.73 -0.55
C THR A 49 12.93 23.71 -1.64
N LEU A 50 13.14 23.22 -2.85
CA LEU A 50 13.84 24.00 -3.89
C LEU A 50 13.17 23.90 -5.25
N ASN A 51 12.95 25.02 -5.96
CA ASN A 51 12.42 24.92 -7.33
C ASN A 51 13.69 24.87 -8.18
N PRO A 52 14.01 23.76 -8.88
CA PRO A 52 15.31 23.65 -9.62
C PRO A 52 15.42 24.52 -10.86
N LYS A 53 14.29 25.04 -11.33
CA LYS A 53 14.23 25.89 -12.52
C LYS A 53 14.44 27.35 -12.15
N THR A 54 13.91 27.77 -11.00
CA THR A 54 14.00 29.17 -10.66
C THR A 54 15.04 29.45 -9.63
N GLY A 55 15.44 28.49 -8.80
CA GLY A 55 16.42 28.74 -7.74
C GLY A 55 15.76 29.08 -6.44
N HIS A 56 14.43 29.15 -6.40
CA HIS A 56 13.71 29.54 -5.17
C HIS A 56 13.99 28.46 -4.13
N LEU A 57 14.56 28.83 -2.96
CA LEU A 57 14.80 27.93 -1.82
C LEU A 57 13.80 28.37 -0.73
N PHE A 58 12.72 27.63 -0.52
CA PHE A 58 11.71 27.92 0.51
C PHE A 58 12.24 27.22 1.76
N LEU A 59 13.02 27.93 2.59
CA LEU A 59 13.70 27.27 3.71
C LEU A 59 12.80 27.31 4.95
N LYS A 60 12.32 26.17 5.42
CA LYS A 60 11.47 26.19 6.63
C LYS A 60 12.30 25.74 7.81
N ILE A 61 12.43 26.61 8.78
CA ILE A 61 13.24 26.32 9.95
C ILE A 61 12.41 25.55 10.96
N ILE A 62 13.00 24.52 11.49
CA ILE A 62 12.38 23.64 12.49
C ILE A 62 13.11 23.89 13.79
N HIS A 63 12.38 24.51 14.70
CA HIS A 63 12.84 24.90 16.01
C HIS A 63 12.69 23.70 16.95
N THR A 64 13.62 23.58 17.90
CA THR A 64 13.73 22.37 18.71
C THR A 64 12.46 22.16 19.52
N SER A 65 11.69 23.22 19.73
CA SER A 65 10.48 23.12 20.55
C SER A 65 9.47 22.16 19.94
N VAL A 66 9.57 21.94 18.62
N VAL A 66 9.55 21.97 18.62
CA VAL A 66 8.60 21.05 17.96
CA VAL A 66 8.65 21.04 17.92
C VAL A 66 8.71 19.60 18.42
C VAL A 66 8.68 19.64 18.54
N TRP A 67 9.86 19.20 19.00
CA TRP A 67 10.10 17.85 19.49
C TRP A 67 9.71 17.64 20.97
N ALA A 68 9.47 18.74 21.68
CA ALA A 68 9.40 18.65 23.13
C ALA A 68 8.28 17.67 23.47
N GLY A 69 8.59 16.65 24.26
CA GLY A 69 7.55 15.72 24.67
C GLY A 69 7.12 14.73 23.61
N GLN A 70 7.83 14.61 22.49
CA GLN A 70 7.45 13.67 21.46
C GLN A 70 8.37 12.46 21.49
N LYS A 71 7.84 11.31 21.10
CA LYS A 71 8.58 10.08 20.94
C LYS A 71 8.85 9.79 19.47
N ARG A 72 9.82 8.93 19.20
CA ARG A 72 10.07 8.44 17.84
C ARG A 72 10.26 9.62 16.87
N LEU A 73 11.28 10.44 17.23
CA LEU A 73 11.46 11.74 16.60
C LEU A 73 11.93 11.59 15.15
N SER A 74 12.76 10.58 14.86
CA SER A 74 13.15 10.37 13.46
C SER A 74 11.94 10.09 12.57
N GLN A 75 10.95 9.34 13.06
CA GLN A 75 9.74 9.11 12.30
C GLN A 75 8.80 10.29 12.31
N LEU A 76 8.74 11.00 13.45
CA LEU A 76 7.88 12.17 13.45
C LEU A 76 8.39 13.19 12.44
N ALA A 77 9.72 13.27 12.33
CA ALA A 77 10.39 14.28 11.49
C ALA A 77 9.93 14.23 10.04
N LYS A 78 9.79 13.00 9.50
CA LYS A 78 9.31 12.74 8.14
C LYS A 78 7.90 13.26 7.94
N TRP A 79 6.99 12.96 8.90
CA TRP A 79 5.64 13.54 8.91
C TRP A 79 5.62 15.03 9.15
N LYS A 80 6.48 15.53 10.02
CA LYS A 80 6.50 16.97 10.26
C LYS A 80 6.89 17.71 8.99
N THR A 81 7.83 17.13 8.23
CA THR A 81 8.23 17.64 6.92
C THR A 81 7.05 17.61 5.97
N ALA A 82 6.36 16.47 5.93
CA ALA A 82 5.26 16.39 4.99
C ALA A 82 4.19 17.40 5.34
N GLU A 83 3.97 17.63 6.62
CA GLU A 83 2.94 18.59 7.03
C GLU A 83 3.30 20.01 6.58
N GLU A 84 4.55 20.36 6.71
CA GLU A 84 4.98 21.66 6.30
C GLU A 84 4.96 21.86 4.79
N VAL A 85 5.52 20.93 4.01
CA VAL A 85 5.39 21.01 2.52
C VAL A 85 3.93 21.22 2.15
N SER A 86 3.03 20.43 2.74
N SER A 86 3.04 20.41 2.72
CA SER A 86 1.62 20.58 2.36
CA SER A 86 1.63 20.55 2.43
C SER A 86 1.07 21.94 2.77
C SER A 86 1.09 21.93 2.79
N ALA A 87 1.48 22.48 3.93
CA ALA A 87 1.01 23.82 4.25
C ALA A 87 1.56 24.84 3.25
N LEU A 88 2.76 24.61 2.76
CA LEU A 88 3.38 25.53 1.81
C LEU A 88 2.63 25.55 0.47
N VAL A 89 2.32 24.36 -0.06
CA VAL A 89 1.54 24.28 -1.27
C VAL A 89 0.21 24.98 -1.09
N ARG A 90 -0.46 24.76 0.06
CA ARG A 90 -1.78 25.35 0.28
C ARG A 90 -1.69 26.86 0.35
N SER A 91 -0.55 27.38 0.81
CA SER A 91 -0.37 28.83 0.89
C SER A 91 -0.12 29.48 -0.46
N LEU A 92 0.15 28.71 -1.51
CA LEU A 92 0.52 29.27 -2.80
C LEU A 92 -0.72 29.35 -3.70
N PRO A 93 -0.82 30.40 -4.53
CA PRO A 93 -1.92 30.49 -5.49
C PRO A 93 -1.82 29.25 -6.36
N LYS A 94 -2.97 28.90 -6.95
CA LYS A 94 -3.14 27.64 -7.67
C LYS A 94 -2.12 27.51 -8.78
N GLU A 95 -1.98 28.57 -9.58
CA GLU A 95 -1.06 28.61 -10.71
C GLU A 95 0.39 28.63 -10.26
N GLU A 96 0.67 28.83 -8.97
CA GLU A 96 2.04 28.61 -8.49
C GLU A 96 2.25 27.25 -7.85
N GLN A 97 1.22 26.45 -7.65
CA GLN A 97 1.46 25.15 -7.02
C GLN A 97 2.26 24.21 -7.92
N PRO A 98 3.11 23.38 -7.34
CA PRO A 98 3.84 22.42 -8.18
C PRO A 98 2.95 21.34 -8.77
N LYS A 99 3.32 20.90 -9.98
N LYS A 99 3.32 20.92 -9.98
CA LYS A 99 2.71 19.70 -10.55
CA LYS A 99 2.71 19.71 -10.54
C LYS A 99 3.37 18.39 -10.11
C LYS A 99 3.35 18.41 -10.04
N GLN A 100 4.58 18.48 -9.58
CA GLN A 100 5.32 17.33 -9.08
C GLN A 100 6.14 17.87 -7.91
N ILE A 101 6.25 17.01 -6.90
CA ILE A 101 7.23 17.12 -5.80
C ILE A 101 8.08 15.87 -5.81
N ILE A 102 9.39 16.05 -5.94
CA ILE A 102 10.40 14.99 -5.88
C ILE A 102 11.12 15.03 -4.54
N VAL A 103 11.00 13.90 -3.77
CA VAL A 103 11.57 13.80 -2.41
C VAL A 103 12.95 13.16 -2.51
N THR A 104 13.90 13.62 -1.75
CA THR A 104 15.22 13.05 -1.96
C THR A 104 15.46 11.73 -1.24
N ARG A 105 14.59 11.31 -0.29
CA ARG A 105 14.64 9.98 0.35
C ARG A 105 13.26 9.31 0.24
N LYS A 106 13.25 8.01 -0.05
CA LYS A 106 12.05 7.19 -0.29
C LYS A 106 11.14 7.08 0.94
N ALA A 107 11.71 7.26 2.15
CA ALA A 107 10.95 7.27 3.40
C ALA A 107 9.99 8.45 3.49
N MET A 108 10.19 9.48 2.65
CA MET A 108 9.24 10.61 2.61
C MET A 108 8.01 10.39 1.73
N LEU A 109 7.98 9.34 0.87
CA LEU A 109 6.89 9.23 -0.11
C LEU A 109 5.53 9.09 0.58
N ASP A 110 5.40 8.14 1.50
CA ASP A 110 4.13 7.86 2.17
C ASP A 110 3.70 9.00 3.09
N PRO A 111 4.59 9.59 3.94
CA PRO A 111 4.13 10.80 4.66
C PRO A 111 3.67 11.92 3.74
N LEU A 112 4.34 12.18 2.62
CA LEU A 112 3.86 13.30 1.81
C LEU A 112 2.62 12.89 1.02
N GLU A 113 2.59 11.68 0.49
CA GLU A 113 1.40 11.22 -0.24
C GLU A 113 0.16 11.42 0.64
N VAL A 114 0.25 10.97 1.89
CA VAL A 114 -0.85 11.08 2.83
C VAL A 114 -1.21 12.53 3.10
N HIS A 115 -0.20 13.41 3.33
CA HIS A 115 -0.56 14.81 3.57
C HIS A 115 -1.13 15.46 2.31
N MET A 116 -0.88 14.92 1.15
CA MET A 116 -1.30 15.62 -0.05
C MET A 116 -2.49 14.92 -0.71
N LEU A 117 -3.29 14.18 0.07
CA LEU A 117 -4.40 13.48 -0.57
C LEU A 117 -5.38 14.48 -1.17
N ASP A 118 -5.41 15.70 -0.61
CA ASP A 118 -6.23 16.79 -1.14
C ASP A 118 -5.83 17.24 -2.54
N PHE A 119 -4.69 16.80 -3.05
CA PHE A 119 -4.07 17.31 -4.28
C PHE A 119 -3.77 16.12 -5.18
N PRO A 120 -4.80 15.41 -5.64
CA PRO A 120 -4.55 14.19 -6.44
C PRO A 120 -3.79 14.43 -7.72
N ASN A 121 -3.82 15.65 -8.25
CA ASN A 121 -3.11 15.99 -9.45
C ASN A 121 -1.66 16.39 -9.20
N ILE A 122 -1.15 16.42 -7.95
CA ILE A 122 0.28 16.58 -7.70
C ILE A 122 0.96 15.20 -7.58
N ALA A 123 1.86 14.91 -8.51
CA ALA A 123 2.62 13.66 -8.48
C ALA A 123 3.74 13.74 -7.44
N ILE A 124 3.78 12.75 -6.51
CA ILE A 124 4.88 12.60 -5.53
C ILE A 124 5.81 11.49 -6.01
N ARG A 125 7.09 11.83 -6.22
CA ARG A 125 8.12 11.03 -6.87
C ARG A 125 9.40 10.94 -6.04
N PRO A 126 10.03 9.76 -6.04
CA PRO A 126 11.40 9.58 -5.55
C PRO A 126 12.45 9.84 -6.62
N THR A 127 13.72 9.61 -6.30
CA THR A 127 14.77 9.80 -7.29
C THR A 127 15.87 8.81 -7.01
N GLU A 128 16.57 8.42 -8.08
N GLU A 128 16.57 8.41 -8.07
CA GLU A 128 17.76 7.57 -8.03
CA GLU A 128 17.76 7.58 -7.94
C GLU A 128 19.04 8.39 -7.96
C GLU A 128 19.05 8.40 -7.95
N LEU A 129 18.96 9.71 -8.07
CA LEU A 129 20.15 10.55 -7.93
C LEU A 129 20.58 10.63 -6.47
N ARG A 130 21.88 10.76 -6.28
CA ARG A 130 22.47 10.93 -4.94
C ARG A 130 22.79 12.42 -4.75
N LEU A 131 21.70 13.21 -4.68
CA LEU A 131 21.84 14.67 -4.61
C LEU A 131 22.42 15.10 -3.27
N PRO A 132 23.34 16.12 -3.26
CA PRO A 132 24.04 16.48 -2.01
C PRO A 132 23.33 17.57 -1.20
N PHE A 133 21.99 17.57 -1.13
CA PHE A 133 21.36 18.72 -0.52
C PHE A 133 21.60 18.74 0.99
N SER A 134 22.03 17.64 1.59
CA SER A 134 22.27 17.65 3.03
C SER A 134 23.38 18.63 3.40
N ALA A 135 24.24 18.95 2.41
CA ALA A 135 25.34 19.91 2.62
C ALA A 135 24.84 21.35 2.70
N ALA A 136 23.52 21.61 2.51
CA ALA A 136 22.98 22.95 2.59
C ALA A 136 23.30 23.64 3.91
N MET A 137 23.53 22.89 5.01
CA MET A 137 23.90 23.57 6.25
C MET A 137 25.39 23.93 6.32
N SER A 138 26.16 23.66 5.25
CA SER A 138 27.51 24.15 5.07
C SER A 138 27.56 25.52 4.41
N ILE A 139 26.41 26.05 3.97
CA ILE A 139 26.32 27.39 3.40
C ILE A 139 26.11 28.34 4.57
N ASP A 140 27.11 29.19 4.81
CA ASP A 140 27.20 29.98 6.04
C ASP A 140 25.89 30.73 6.38
N LYS A 141 25.29 31.42 5.41
CA LYS A 141 24.13 32.25 5.74
C LYS A 141 22.93 31.37 6.14
N LEU A 142 22.84 30.18 5.51
CA LEU A 142 21.74 29.25 5.80
C LEU A 142 21.92 28.68 7.19
N SER A 143 23.15 28.28 7.51
CA SER A 143 23.40 27.77 8.83
C SER A 143 23.14 28.84 9.86
N ASP A 144 23.48 30.12 9.58
CA ASP A 144 23.31 31.18 10.59
C ASP A 144 21.84 31.46 10.92
N VAL A 145 20.98 31.60 9.90
CA VAL A 145 19.56 31.82 10.16
C VAL A 145 18.94 30.61 10.88
N VAL A 146 19.35 29.39 10.53
CA VAL A 146 18.81 28.21 11.22
C VAL A 146 19.18 28.25 12.74
N MET A 147 20.47 28.50 13.01
N MET A 147 20.46 28.50 13.02
N MET A 147 20.46 28.54 13.01
CA MET A 147 20.97 28.40 14.39
CA MET A 147 20.94 28.39 14.40
CA MET A 147 20.94 28.40 14.39
C MET A 147 20.41 29.52 15.27
C MET A 147 20.43 29.53 15.28
C MET A 147 20.43 29.52 15.27
N LYS A 148 20.25 30.72 14.72
CA LYS A 148 19.76 31.87 15.53
C LYS A 148 18.23 31.88 15.82
N ALA A 149 17.43 31.01 15.20
CA ALA A 149 15.97 31.09 15.26
C ALA A 149 15.51 30.67 16.61
N THR A 150 14.58 31.42 17.15
CA THR A 150 14.05 31.14 18.46
C THR A 150 12.60 30.73 18.40
N GLU A 151 12.06 30.65 17.18
CA GLU A 151 10.72 30.17 16.93
C GLU A 151 10.68 29.56 15.53
N PRO A 152 9.62 28.81 15.17
CA PRO A 152 9.46 28.37 13.77
C PRO A 152 9.40 29.58 12.84
N GLN A 153 9.88 29.40 11.62
CA GLN A 153 10.11 30.55 10.77
C GLN A 153 10.47 30.08 9.38
N MET A 154 9.86 30.68 8.38
CA MET A 154 10.18 30.42 6.98
C MET A 154 11.07 31.56 6.46
N VAL A 155 12.33 31.23 5.98
CA VAL A 155 13.22 32.22 5.27
C VAL A 155 13.37 31.92 3.75
N LEU A 156 13.54 32.97 2.93
CA LEU A 156 13.66 32.89 1.45
C LEU A 156 15.03 33.35 0.90
N PHE A 157 15.65 32.58 0.01
CA PHE A 157 16.86 32.93 -0.75
C PHE A 157 16.71 32.40 -2.17
N ASN A 158 17.46 32.97 -3.08
CA ASN A 158 17.53 32.32 -4.39
C ASN A 158 18.84 31.57 -4.21
N ILE A 159 18.83 30.23 -4.28
CA ILE A 159 20.09 29.45 -4.17
C ILE A 159 20.98 29.66 -5.41
N TYR A 160 20.49 30.24 -6.47
CA TYR A 160 21.35 30.55 -7.61
C TYR A 160 21.85 32.00 -7.64
N ASP A 161 21.61 32.79 -6.60
CA ASP A 161 21.95 34.22 -6.60
C ASP A 161 21.42 34.78 -7.90
N ASP A 162 22.24 35.47 -8.73
CA ASP A 162 21.77 36.12 -9.94
C ASP A 162 22.21 35.35 -11.16
N TRP A 163 22.60 34.09 -10.96
CA TRP A 163 23.26 33.36 -12.05
C TRP A 163 22.39 33.30 -13.30
N LEU A 164 21.09 33.13 -13.13
CA LEU A 164 20.23 32.90 -14.28
C LEU A 164 20.24 34.07 -15.25
N ASP A 165 20.80 35.20 -14.83
CA ASP A 165 20.93 36.35 -15.71
C ASP A 165 21.96 36.07 -16.79
N ARG A 166 22.84 35.08 -16.56
CA ARG A 166 23.94 34.76 -17.47
C ARG A 166 23.98 33.31 -17.94
N ILE A 167 23.37 32.36 -17.20
CA ILE A 167 23.46 30.93 -17.53
C ILE A 167 22.09 30.30 -17.43
N SER A 168 21.97 29.06 -17.94
CA SER A 168 20.66 28.41 -17.87
C SER A 168 20.42 27.65 -16.55
N SER A 169 19.14 27.33 -16.32
N SER A 169 19.16 27.25 -16.32
CA SER A 169 18.80 26.57 -15.13
CA SER A 169 18.86 26.56 -15.06
C SER A 169 19.67 25.33 -15.07
C SER A 169 19.57 25.22 -15.03
N TYR A 170 19.73 24.60 -16.20
CA TYR A 170 20.52 23.38 -16.27
C TYR A 170 21.91 23.62 -15.73
N THR A 171 22.57 24.68 -16.20
CA THR A 171 23.96 24.92 -15.79
C THR A 171 24.02 25.41 -14.38
N ALA A 172 23.01 26.16 -13.99
CA ALA A 172 22.94 26.68 -12.62
C ALA A 172 22.72 25.54 -11.64
N PHE A 173 21.82 24.61 -11.95
CA PHE A 173 21.70 23.41 -11.13
C PHE A 173 22.99 22.60 -11.11
N SER A 174 23.69 22.51 -12.23
CA SER A 174 24.92 21.71 -12.20
C SER A 174 25.99 22.37 -11.34
N ARG A 175 26.04 23.70 -11.33
CA ARG A 175 26.98 24.39 -10.45
C ARG A 175 26.60 24.17 -9.00
N LEU A 176 25.33 24.29 -8.73
CA LEU A 176 24.90 24.12 -7.35
C LEU A 176 25.29 22.74 -6.86
N THR A 177 24.94 21.71 -7.62
CA THR A 177 25.27 20.37 -7.18
C THR A 177 26.77 20.14 -7.14
N LEU A 178 27.59 20.85 -7.92
CA LEU A 178 29.04 20.63 -7.76
C LEU A 178 29.56 21.28 -6.48
N LEU A 179 29.07 22.46 -6.18
CA LEU A 179 29.43 23.16 -4.94
C LEU A 179 29.00 22.37 -3.69
N LEU A 180 27.73 21.90 -3.66
CA LEU A 180 27.27 21.06 -2.53
C LEU A 180 28.05 19.75 -2.39
N ARG A 181 28.13 18.92 -3.45
CA ARG A 181 29.00 17.75 -3.42
C ARG A 181 30.40 18.04 -2.87
N ALA A 182 31.05 19.14 -3.28
CA ALA A 182 32.37 19.47 -2.70
C ALA A 182 32.27 19.79 -1.19
N LEU A 183 31.29 20.62 -0.81
CA LEU A 183 31.12 20.93 0.61
C LEU A 183 30.84 19.68 1.44
N LYS A 184 30.12 18.70 0.87
CA LYS A 184 29.86 17.45 1.59
C LYS A 184 31.11 16.58 1.72
N THR A 185 31.98 16.58 0.71
N THR A 185 31.99 16.62 0.72
CA THR A 185 33.11 15.66 0.73
CA THR A 185 33.13 15.70 0.68
C THR A 185 34.24 16.19 1.61
C THR A 185 34.25 16.19 1.58
N ASN A 186 34.53 17.48 1.53
CA ASN A 186 35.57 18.09 2.35
C ASN A 186 35.14 19.54 2.52
N GLU A 187 34.45 19.81 3.64
CA GLU A 187 33.89 21.13 3.92
C GLU A 187 34.97 22.18 3.99
N GLU A 188 36.06 21.90 4.71
CA GLU A 188 37.09 22.92 4.89
C GLU A 188 37.69 23.34 3.55
N SER A 189 38.17 22.36 2.78
CA SER A 189 38.77 22.67 1.49
C SER A 189 37.78 23.35 0.56
N ALA A 190 36.53 22.88 0.53
CA ALA A 190 35.55 23.57 -0.32
C ALA A 190 35.45 25.05 0.05
N LYS A 191 35.38 25.35 1.34
CA LYS A 191 35.20 26.74 1.76
C LYS A 191 36.46 27.56 1.51
N MET A 192 37.64 26.99 1.74
CA MET A 192 38.86 27.71 1.39
CA MET A 192 38.86 27.69 1.39
C MET A 192 38.84 28.11 -0.09
N ILE A 193 38.35 27.21 -0.95
CA ILE A 193 38.35 27.50 -2.39
C ILE A 193 37.47 28.71 -2.70
N LEU A 194 36.32 28.78 -2.04
CA LEU A 194 35.33 29.82 -2.31
C LEU A 194 35.74 31.18 -1.75
N LEU A 195 36.42 31.21 -0.61
CA LEU A 195 36.64 32.44 0.14
C LEU A 195 38.11 32.84 0.21
N SER A 196 39.01 32.06 -0.39
CA SER A 196 40.44 32.37 -0.29
C SER A 196 40.74 33.80 -0.67
N ASP A 197 40.16 34.29 -1.76
CA ASP A 197 40.51 35.59 -2.30
C ASP A 197 39.63 36.64 -1.63
N PRO A 198 40.17 37.48 -0.75
CA PRO A 198 39.31 38.43 -0.03
C PRO A 198 38.59 39.40 -0.95
N THR A 199 39.10 39.63 -2.17
CA THR A 199 38.52 40.68 -3.00
C THR A 199 37.23 40.28 -3.68
N ILE A 200 36.87 38.99 -3.72
CA ILE A 200 35.58 38.57 -4.26
C ILE A 200 34.60 38.47 -3.12
N THR A 201 33.58 39.31 -3.13
CA THR A 201 32.68 39.43 -1.99
C THR A 201 31.34 38.74 -2.26
N ILE A 202 30.60 38.55 -1.20
CA ILE A 202 29.25 37.99 -1.26
C ILE A 202 28.26 39.11 -1.02
N LYS A 203 27.34 39.32 -1.95
CA LYS A 203 26.45 40.44 -1.79
C LYS A 203 25.52 40.16 -0.63
N SER A 204 24.72 41.12 -0.13
CA SER A 204 23.84 40.93 1.07
C SER A 204 22.68 39.92 0.91
N TYR A 205 22.04 39.83 -0.22
CA TYR A 205 20.89 38.92 -0.48
C TYR A 205 21.38 37.61 -1.12
N HIS A 206 22.65 37.49 -1.44
CA HIS A 206 23.25 36.34 -2.15
C HIS A 206 23.86 35.37 -1.12
N LEU A 207 24.10 34.16 -1.51
CA LEU A 207 24.71 33.13 -0.71
C LEU A 207 26.14 32.82 -1.13
N TRP A 208 26.50 33.07 -2.37
CA TRP A 208 27.81 32.70 -2.89
C TRP A 208 28.57 33.94 -3.37
N PRO A 209 29.87 33.84 -3.54
CA PRO A 209 30.64 35.04 -3.97
C PRO A 209 30.32 35.52 -5.38
N SER A 210 30.65 36.78 -5.64
CA SER A 210 30.21 37.43 -6.88
C SER A 210 31.22 37.16 -8.01
N PHE A 211 31.40 35.89 -8.37
CA PHE A 211 32.46 35.55 -9.31
C PHE A 211 32.14 36.02 -10.71
N THR A 212 33.14 36.51 -11.44
CA THR A 212 32.94 36.63 -12.88
C THR A 212 32.84 35.25 -13.56
N ASP A 213 32.46 35.27 -14.85
CA ASP A 213 32.38 34.03 -15.65
C ASP A 213 33.70 33.27 -15.63
N GLU A 214 34.81 33.98 -15.87
CA GLU A 214 36.10 33.30 -15.91
C GLU A 214 36.44 32.72 -14.55
N GLN A 215 36.14 33.47 -13.48
CA GLN A 215 36.41 32.98 -12.14
C GLN A 215 35.54 31.78 -11.79
N TRP A 216 34.27 31.73 -12.24
CA TRP A 216 33.43 30.54 -11.96
C TRP A 216 34.03 29.31 -12.61
N ILE A 217 34.60 29.49 -13.80
CA ILE A 217 35.27 28.40 -14.47
C ILE A 217 36.43 27.89 -13.62
N THR A 218 37.21 28.82 -13.06
CA THR A 218 38.34 28.40 -12.24
C THR A 218 37.83 27.66 -11.01
N ILE A 219 36.88 28.30 -10.33
CA ILE A 219 36.26 27.70 -9.16
C ILE A 219 35.73 26.32 -9.51
N GLU A 220 34.88 26.23 -10.53
CA GLU A 220 34.31 24.93 -10.88
C GLU A 220 35.42 23.89 -11.05
N SER A 221 36.50 24.25 -11.77
N SER A 221 36.50 24.23 -11.77
CA SER A 221 37.62 23.32 -11.96
CA SER A 221 37.59 23.28 -11.94
C SER A 221 38.21 22.89 -10.62
C SER A 221 38.19 22.87 -10.60
N GLN A 222 38.37 23.83 -9.68
CA GLN A 222 38.98 23.52 -8.38
C GLN A 222 38.08 22.61 -7.52
N MET A 223 36.76 22.76 -7.63
CA MET A 223 35.88 21.84 -6.93
C MET A 223 35.94 20.43 -7.51
N ARG A 224 36.00 20.31 -8.84
N ARG A 224 36.03 20.30 -8.84
CA ARG A 224 36.17 18.99 -9.47
CA ARG A 224 36.14 18.97 -9.45
C ARG A 224 37.42 18.33 -8.93
C ARG A 224 37.44 18.29 -9.00
N ASP A 225 38.56 19.01 -9.05
CA ASP A 225 39.81 18.49 -8.50
CA ASP A 225 39.80 18.49 -8.49
C ASP A 225 39.60 17.99 -7.06
N LEU A 226 39.01 18.84 -6.20
CA LEU A 226 38.76 18.43 -4.82
C LEU A 226 38.01 17.11 -4.77
N ILE A 227 36.92 17.00 -5.53
CA ILE A 227 36.08 15.82 -5.42
C ILE A 227 36.78 14.57 -5.94
N LEU A 228 37.60 14.72 -6.99
CA LEU A 228 38.37 13.58 -7.48
C LEU A 228 39.42 13.15 -6.46
N THR A 229 40.17 14.11 -5.93
CA THR A 229 41.19 13.86 -4.93
C THR A 229 40.61 13.13 -3.72
N GLU A 230 39.72 13.79 -2.96
CA GLU A 230 39.16 13.16 -1.77
C GLU A 230 38.68 11.74 -2.05
N TYR A 231 38.29 11.47 -3.30
CA TYR A 231 37.88 10.15 -3.74
C TYR A 231 39.06 9.20 -3.92
N GLY A 232 40.27 9.74 -4.04
CA GLY A 232 41.47 8.94 -3.95
C GLY A 232 41.84 8.75 -2.49
N ARG A 233 42.14 9.85 -1.80
CA ARG A 233 42.41 9.83 -0.36
C ARG A 233 41.45 8.90 0.37
N LYS A 234 40.21 8.81 -0.11
CA LYS A 234 39.24 7.93 0.52
C LYS A 234 39.38 6.50 0.05
N TYR A 235 39.63 6.29 -1.24
CA TYR A 235 39.79 4.95 -1.80
C TYR A 235 41.25 4.62 -2.15
N ASN A 236 42.21 5.42 -1.70
CA ASN A 236 43.62 5.21 -2.00
C ASN A 236 43.84 4.82 -3.46
N VAL A 237 43.91 5.82 -4.34
CA VAL A 237 44.08 5.59 -5.78
C VAL A 237 44.96 6.68 -6.39
N MET B 5 -31.36 -33.01 5.15
CA MET B 5 -30.30 -32.99 4.08
C MET B 5 -30.90 -32.71 2.71
N ASN B 6 -30.18 -31.97 1.85
CA ASN B 6 -30.71 -31.53 0.56
C ASN B 6 -29.87 -31.97 -0.63
N THR B 7 -30.41 -31.74 -1.82
CA THR B 7 -29.93 -32.39 -3.02
C THR B 7 -29.79 -31.37 -4.13
N VAL B 8 -28.72 -31.48 -4.89
CA VAL B 8 -28.54 -30.70 -6.11
C VAL B 8 -28.42 -31.69 -7.26
N PRO B 9 -29.53 -32.03 -7.92
CA PRO B 9 -29.48 -32.98 -9.03
C PRO B 9 -28.86 -32.36 -10.28
N PHE B 10 -28.33 -33.23 -11.15
CA PHE B 10 -27.83 -32.82 -12.47
C PHE B 10 -28.67 -33.45 -13.58
N THR B 11 -28.99 -32.67 -14.60
CA THR B 11 -29.67 -33.25 -15.77
C THR B 11 -28.81 -34.33 -16.41
N SER B 12 -27.51 -34.07 -16.52
CA SER B 12 -26.55 -34.97 -17.15
C SER B 12 -25.17 -34.36 -16.99
N ALA B 13 -24.14 -35.12 -17.38
CA ALA B 13 -22.74 -34.67 -17.33
C ALA B 13 -22.17 -34.87 -18.74
N PRO B 14 -22.52 -33.99 -19.67
CA PRO B 14 -22.07 -34.22 -21.06
C PRO B 14 -20.58 -34.00 -21.35
N ILE B 15 -19.84 -33.26 -20.53
CA ILE B 15 -18.41 -33.07 -20.77
C ILE B 15 -17.62 -33.39 -19.52
N GLU B 16 -16.43 -33.94 -19.71
CA GLU B 16 -15.57 -34.32 -18.61
C GLU B 16 -15.17 -33.11 -17.78
N VAL B 17 -15.29 -33.25 -16.47
CA VAL B 17 -15.24 -32.11 -15.60
C VAL B 17 -14.81 -32.59 -14.24
N THR B 18 -14.00 -31.78 -13.57
CA THR B 18 -13.79 -31.92 -12.14
C THR B 18 -14.78 -31.03 -11.37
N ILE B 19 -15.63 -31.68 -10.58
CA ILE B 19 -16.70 -31.03 -9.85
C ILE B 19 -16.22 -30.90 -8.42
N GLY B 20 -16.48 -29.73 -7.86
CA GLY B 20 -16.19 -29.40 -6.48
C GLY B 20 -17.49 -29.08 -5.77
N ILE B 21 -17.63 -29.57 -4.54
CA ILE B 21 -18.72 -29.16 -3.67
C ILE B 21 -18.03 -28.77 -2.34
N ASP B 22 -18.08 -27.51 -1.97
CA ASP B 22 -17.29 -27.03 -0.77
C ASP B 22 -15.85 -27.52 -0.92
N GLN B 23 -15.21 -28.01 0.14
CA GLN B 23 -13.82 -28.39 0.05
C GLN B 23 -13.57 -29.77 -0.57
N TYR B 24 -14.59 -30.43 -1.14
CA TYR B 24 -14.49 -31.76 -1.74
C TYR B 24 -14.59 -31.64 -3.25
N SER B 25 -14.09 -32.66 -3.95
CA SER B 25 -14.12 -32.60 -5.41
C SER B 25 -13.98 -34.00 -5.94
N PHE B 26 -14.41 -34.21 -7.18
CA PHE B 26 -14.39 -35.55 -7.77
C PHE B 26 -14.48 -35.41 -9.28
N ASN B 27 -13.98 -36.42 -10.00
CA ASN B 27 -13.85 -36.37 -11.45
C ASN B 27 -15.03 -37.06 -12.10
N VAL B 28 -15.63 -36.42 -13.07
CA VAL B 28 -16.73 -37.01 -13.83
C VAL B 28 -16.28 -37.14 -15.28
N LYS B 29 -16.34 -38.34 -15.83
CA LYS B 29 -15.93 -38.56 -17.24
C LYS B 29 -17.06 -38.18 -18.22
N GLU B 30 -16.67 -37.79 -19.43
CA GLU B 30 -17.61 -37.37 -20.45
C GLU B 30 -18.74 -38.39 -20.66
N ASN B 31 -19.97 -37.92 -20.50
CA ASN B 31 -21.16 -38.77 -20.58
C ASN B 31 -21.16 -39.91 -19.54
N GLN B 32 -20.50 -39.71 -18.41
CA GLN B 32 -20.67 -40.67 -17.33
C GLN B 32 -22.08 -40.53 -16.74
N PRO B 33 -22.68 -41.61 -16.29
CA PRO B 33 -24.02 -41.49 -15.68
C PRO B 33 -23.97 -40.90 -14.27
N PHE B 34 -24.17 -39.58 -14.21
CA PHE B 34 -24.00 -38.80 -12.99
C PHE B 34 -25.21 -37.92 -12.85
N HIS B 35 -25.94 -38.12 -11.76
CA HIS B 35 -27.08 -37.24 -11.64
C HIS B 35 -27.09 -36.40 -10.38
N GLY B 36 -25.95 -36.14 -9.77
CA GLY B 36 -25.91 -34.97 -8.90
C GLY B 36 -25.30 -35.30 -7.52
N ILE B 37 -25.64 -34.45 -6.51
CA ILE B 37 -25.01 -34.48 -5.19
C ILE B 37 -26.06 -34.46 -4.09
N LYS B 38 -26.02 -35.43 -3.20
CA LYS B 38 -27.05 -35.61 -2.20
C LYS B 38 -26.43 -35.39 -0.82
N ASP B 39 -27.32 -35.34 0.19
CA ASP B 39 -27.00 -35.23 1.61
C ASP B 39 -26.18 -33.98 1.92
N ILE B 40 -26.44 -32.87 1.23
CA ILE B 40 -25.78 -31.59 1.48
C ILE B 40 -26.27 -31.02 2.81
N PRO B 41 -25.39 -30.70 3.76
CA PRO B 41 -25.90 -30.23 5.07
C PRO B 41 -26.69 -28.95 4.94
N ILE B 42 -27.90 -28.95 5.48
CA ILE B 42 -28.69 -27.73 5.57
C ILE B 42 -28.08 -26.82 6.62
N GLY B 43 -28.20 -25.52 6.40
CA GLY B 43 -27.84 -24.57 7.42
C GLY B 43 -26.55 -23.86 7.16
N HIS B 44 -25.87 -24.15 6.07
CA HIS B 44 -24.69 -23.39 5.71
C HIS B 44 -24.87 -22.94 4.29
N VAL B 45 -24.05 -21.99 3.89
N VAL B 45 -24.08 -21.94 3.87
CA VAL B 45 -23.89 -21.70 2.48
CA VAL B 45 -23.99 -21.69 2.45
C VAL B 45 -22.90 -22.68 1.86
C VAL B 45 -23.13 -22.82 1.91
N HIS B 46 -23.07 -22.94 0.58
CA HIS B 46 -22.30 -23.93 -0.14
C HIS B 46 -21.86 -23.36 -1.53
N VAL B 47 -20.88 -24.02 -2.13
CA VAL B 47 -20.34 -23.60 -3.41
C VAL B 47 -20.10 -24.86 -4.20
N ILE B 48 -20.67 -24.90 -5.41
N ILE B 48 -20.74 -24.95 -5.35
CA ILE B 48 -20.44 -25.99 -6.34
CA ILE B 48 -20.46 -26.00 -6.32
C ILE B 48 -19.71 -25.42 -7.56
C ILE B 48 -19.67 -25.36 -7.46
N HIS B 49 -18.54 -25.99 -7.85
CA HIS B 49 -17.61 -25.35 -8.79
C HIS B 49 -17.12 -26.36 -9.79
N PHE B 50 -16.56 -25.84 -10.91
CA PHE B 50 -16.31 -26.69 -12.05
C PHE B 50 -14.97 -26.35 -12.68
N GLN B 51 -14.24 -27.37 -13.10
CA GLN B 51 -13.06 -27.12 -13.93
C GLN B 51 -13.09 -28.16 -15.03
N HIS B 52 -13.36 -27.72 -16.24
CA HIS B 52 -13.43 -28.66 -17.36
C HIS B 52 -12.07 -29.33 -17.64
N ALA B 53 -12.15 -30.59 -18.09
CA ALA B 53 -10.96 -31.37 -18.36
C ALA B 53 -10.17 -30.73 -19.49
N ASP B 54 -10.88 -30.13 -20.44
CA ASP B 54 -10.20 -29.60 -21.62
C ASP B 54 -9.56 -28.24 -21.36
N ASN B 55 -10.12 -27.45 -20.44
CA ASN B 55 -9.69 -26.07 -20.24
C ASN B 55 -9.60 -25.84 -18.73
N SER B 56 -8.43 -26.12 -18.16
CA SER B 56 -8.19 -25.73 -16.78
C SER B 56 -8.32 -24.22 -16.60
N SER B 57 -8.32 -23.45 -17.69
CA SER B 57 -8.65 -22.04 -17.60
C SER B 57 -10.13 -21.87 -17.25
N MET B 58 -10.43 -20.85 -16.46
N MET B 58 -10.41 -20.84 -16.44
CA MET B 58 -11.79 -20.61 -16.00
CA MET B 58 -11.73 -20.52 -15.93
C MET B 58 -12.27 -21.72 -15.07
C MET B 58 -12.32 -21.62 -15.05
N ARG B 59 -11.92 -21.63 -13.78
CA ARG B 59 -12.75 -22.24 -12.71
C ARG B 59 -13.99 -21.35 -12.57
N TYR B 60 -15.17 -21.90 -12.28
CA TYR B 60 -16.40 -21.13 -12.04
C TYR B 60 -17.32 -21.95 -11.11
N GLY B 61 -18.34 -21.34 -10.53
CA GLY B 61 -19.33 -22.05 -9.72
C GLY B 61 -20.33 -21.09 -9.16
N TYR B 62 -21.04 -21.60 -8.17
CA TYR B 62 -22.32 -21.08 -7.76
C TYR B 62 -22.34 -21.22 -6.27
N TRP B 63 -22.49 -20.05 -5.60
CA TRP B 63 -22.80 -19.97 -4.19
C TRP B 63 -24.30 -20.14 -4.01
N PHE B 64 -24.71 -20.97 -3.06
CA PHE B 64 -26.13 -21.13 -2.85
C PHE B 64 -26.48 -21.61 -1.45
N ASP B 65 -27.77 -21.56 -1.12
CA ASP B 65 -28.30 -22.06 0.18
C ASP B 65 -29.61 -22.80 -0.10
N CYS B 66 -29.62 -24.07 0.24
CA CYS B 66 -30.70 -24.98 -0.14
C CYS B 66 -32.03 -24.59 0.49
N ARG B 67 -31.98 -23.76 1.53
CA ARG B 67 -33.18 -23.22 2.15
C ARG B 67 -33.90 -22.21 1.26
N MET B 68 -33.20 -21.60 0.31
N MET B 68 -33.19 -21.58 0.33
CA MET B 68 -33.77 -20.55 -0.54
CA MET B 68 -33.76 -20.55 -0.53
C MET B 68 -34.33 -21.09 -1.85
C MET B 68 -34.42 -21.09 -1.80
N GLY B 69 -34.44 -22.40 -2.01
CA GLY B 69 -35.11 -22.97 -3.17
C GLY B 69 -34.46 -24.26 -3.64
N ASN B 70 -35.13 -24.87 -4.62
CA ASN B 70 -34.65 -26.14 -5.16
C ASN B 70 -33.81 -25.84 -6.41
N PHE B 71 -32.56 -26.22 -6.39
CA PHE B 71 -31.64 -25.87 -7.45
C PHE B 71 -31.11 -27.14 -8.09
N TYR B 72 -30.80 -27.05 -9.38
CA TYR B 72 -30.25 -28.15 -10.17
C TYR B 72 -29.24 -27.59 -11.18
N ILE B 73 -28.40 -28.48 -11.70
CA ILE B 73 -27.37 -28.12 -12.68
C ILE B 73 -27.69 -28.81 -14.01
N GLN B 74 -27.44 -28.10 -15.10
CA GLN B 74 -27.79 -28.55 -16.44
C GLN B 74 -26.75 -27.97 -17.36
N TYR B 75 -26.13 -28.82 -18.16
CA TYR B 75 -25.08 -28.32 -19.05
C TYR B 75 -25.75 -27.55 -20.18
N ASP B 76 -25.18 -26.40 -20.57
CA ASP B 76 -25.70 -25.59 -21.69
C ASP B 76 -24.71 -25.67 -22.85
N PRO B 77 -25.07 -26.34 -23.96
CA PRO B 77 -24.11 -26.57 -25.07
C PRO B 77 -23.86 -25.34 -25.94
N LYS B 78 -24.68 -24.30 -25.78
CA LYS B 78 -24.44 -23.06 -26.52
C LYS B 78 -23.37 -22.24 -25.83
N ASP B 79 -23.53 -22.00 -24.50
CA ASP B 79 -22.59 -21.23 -23.67
C ASP B 79 -21.45 -22.09 -23.11
N GLY B 80 -21.61 -23.40 -23.17
CA GLY B 80 -20.57 -24.35 -22.84
C GLY B 80 -20.21 -24.29 -21.37
N LEU B 81 -21.20 -24.24 -20.51
CA LEU B 81 -20.92 -24.41 -19.10
C LEU B 81 -22.09 -25.05 -18.40
N TYR B 82 -21.73 -25.61 -17.27
CA TYR B 82 -22.67 -26.21 -16.30
C TYR B 82 -23.39 -25.06 -15.61
N LYS B 83 -24.71 -24.92 -15.83
CA LYS B 83 -25.44 -23.76 -15.35
C LYS B 83 -26.31 -24.15 -14.16
N MET B 84 -26.32 -23.33 -13.09
CA MET B 84 -27.29 -23.57 -12.03
C MET B 84 -28.64 -22.95 -12.39
N MET B 85 -29.71 -23.61 -12.01
CA MET B 85 -31.06 -23.17 -12.34
C MET B 85 -31.93 -23.48 -11.14
N GLU B 86 -33.05 -22.77 -11.03
CA GLU B 86 -34.01 -23.03 -9.96
C GLU B 86 -35.25 -23.72 -10.53
N GLU B 87 -35.78 -24.72 -9.84
CA GLU B 87 -37.04 -25.34 -10.24
C GLU B 87 -38.12 -24.78 -9.32
N ARG B 88 -39.14 -24.12 -9.89
CA ARG B 88 -40.21 -23.58 -9.07
C ARG B 88 -41.32 -24.59 -8.82
N ASP B 89 -41.41 -25.67 -9.60
CA ASP B 89 -42.44 -26.70 -9.41
C ASP B 89 -41.93 -27.72 -8.40
N GLY B 90 -42.29 -27.51 -7.14
CA GLY B 90 -41.71 -28.33 -6.08
C GLY B 90 -42.03 -29.80 -6.19
N ALA B 91 -43.19 -30.15 -6.76
CA ALA B 91 -43.53 -31.56 -6.90
C ALA B 91 -42.73 -32.22 -8.01
N LYS B 92 -42.55 -31.52 -9.12
CA LYS B 92 -41.71 -32.04 -10.19
C LYS B 92 -40.30 -32.31 -9.68
N PHE B 93 -39.78 -31.42 -8.83
CA PHE B 93 -38.41 -31.52 -8.33
C PHE B 93 -38.24 -32.72 -7.41
N GLU B 94 -39.18 -32.93 -6.48
CA GLU B 94 -39.09 -34.09 -5.60
C GLU B 94 -39.19 -35.38 -6.39
N ASN B 95 -40.08 -35.42 -7.37
CA ASN B 95 -40.21 -36.64 -8.17
C ASN B 95 -38.90 -36.98 -8.86
N ILE B 96 -38.30 -35.99 -9.52
CA ILE B 96 -37.03 -36.21 -10.21
C ILE B 96 -35.95 -36.66 -9.25
N VAL B 97 -35.84 -36.02 -8.08
CA VAL B 97 -34.76 -36.34 -7.17
C VAL B 97 -34.93 -37.76 -6.63
N HIS B 98 -36.19 -38.14 -6.32
CA HIS B 98 -36.45 -39.48 -5.82
C HIS B 98 -36.02 -40.53 -6.84
N ASN B 99 -36.47 -40.38 -8.09
CA ASN B 99 -36.03 -41.27 -9.17
C ASN B 99 -34.50 -41.45 -9.15
N PHE B 100 -33.74 -40.34 -9.08
CA PHE B 100 -32.28 -40.44 -9.16
C PHE B 100 -31.67 -41.14 -7.94
N LYS B 101 -32.25 -40.95 -6.75
CA LYS B 101 -31.74 -41.62 -5.55
C LYS B 101 -32.03 -43.11 -5.57
N GLU B 102 -33.26 -43.50 -5.98
CA GLU B 102 -33.55 -44.93 -6.10
C GLU B 102 -32.53 -45.63 -6.99
N ARG B 103 -32.17 -45.03 -8.13
CA ARG B 103 -31.16 -45.61 -9.02
C ARG B 103 -29.72 -45.28 -8.61
N GLN B 104 -29.52 -44.56 -7.50
CA GLN B 104 -28.22 -44.30 -6.90
C GLN B 104 -27.22 -43.67 -7.86
N MET B 105 -27.67 -42.67 -8.60
CA MET B 105 -26.75 -41.96 -9.50
C MET B 105 -26.32 -40.64 -8.88
N MET B 106 -26.13 -40.58 -7.56
CA MET B 106 -25.66 -39.34 -6.92
C MET B 106 -24.53 -39.58 -5.93
N VAL B 107 -23.57 -38.65 -5.87
CA VAL B 107 -22.49 -38.75 -4.91
C VAL B 107 -23.00 -38.11 -3.63
N SER B 108 -22.58 -38.64 -2.52
CA SER B 108 -22.98 -38.16 -1.22
C SER B 108 -21.99 -37.14 -0.66
N TYR B 109 -22.49 -35.97 -0.31
CA TYR B 109 -21.67 -34.98 0.39
C TYR B 109 -20.98 -35.67 1.56
N PRO B 110 -19.68 -35.68 1.61
CA PRO B 110 -19.01 -36.71 2.41
C PRO B 110 -18.54 -36.16 3.73
N LYS B 111 -19.45 -35.72 4.58
CA LYS B 111 -19.05 -35.05 5.80
C LYS B 111 -18.72 -36.06 6.88
N ILE B 112 -17.51 -35.93 7.44
CA ILE B 112 -17.07 -36.67 8.63
C ILE B 112 -17.63 -35.96 9.87
N ASP B 113 -18.06 -36.76 10.85
CA ASP B 113 -18.85 -36.22 11.96
C ASP B 113 -18.02 -35.42 12.95
N GLU B 114 -16.71 -35.64 13.03
CA GLU B 114 -15.82 -34.83 13.85
C GLU B 114 -15.48 -33.49 13.19
N ASP B 115 -15.83 -33.33 11.92
CA ASP B 115 -15.26 -32.27 11.10
C ASP B 115 -16.15 -31.03 11.13
N ASP B 116 -15.62 -29.91 11.66
CA ASP B 116 -16.31 -28.63 11.54
C ASP B 116 -15.60 -27.67 10.60
N THR B 117 -14.82 -28.19 9.63
CA THR B 117 -14.07 -27.31 8.73
C THR B 117 -14.99 -26.34 8.01
N TRP B 118 -16.03 -26.85 7.34
CA TRP B 118 -16.82 -25.98 6.48
C TRP B 118 -17.52 -24.91 7.31
N TYR B 119 -18.11 -25.32 8.42
CA TYR B 119 -18.66 -24.36 9.36
C TYR B 119 -17.61 -23.30 9.75
N ASN B 120 -16.39 -23.71 10.07
CA ASN B 120 -15.47 -22.70 10.59
C ASN B 120 -15.02 -21.77 9.47
N LEU B 121 -15.11 -22.21 8.22
CA LEU B 121 -14.69 -21.35 7.11
C LEU B 121 -15.81 -20.46 6.60
N THR B 122 -17.08 -20.84 6.85
CA THR B 122 -18.27 -20.08 6.49
C THR B 122 -19.07 -19.49 7.67
N GLU B 123 -18.53 -19.43 8.88
CA GLU B 123 -19.34 -19.06 10.05
C GLU B 123 -20.15 -17.79 9.86
N PHE B 124 -19.53 -16.75 9.33
CA PHE B 124 -20.21 -15.47 9.15
C PHE B 124 -20.65 -15.18 7.73
N VAL B 125 -20.57 -16.14 6.84
CA VAL B 125 -20.96 -15.89 5.46
C VAL B 125 -22.47 -16.16 5.32
N GLN B 126 -23.19 -15.19 4.74
N GLN B 126 -23.19 -15.17 4.80
CA GLN B 126 -24.64 -15.24 4.61
CA GLN B 126 -24.63 -15.23 4.62
C GLN B 126 -25.03 -14.96 3.17
C GLN B 126 -24.97 -14.99 3.16
N MET B 127 -25.96 -15.74 2.64
CA MET B 127 -26.34 -15.60 1.23
C MET B 127 -26.81 -14.19 0.89
N ASP B 128 -27.63 -13.59 1.75
CA ASP B 128 -28.10 -12.24 1.43
C ASP B 128 -26.95 -11.28 1.19
N LYS B 129 -25.82 -11.44 1.90
CA LYS B 129 -24.71 -10.54 1.68
C LYS B 129 -23.91 -10.91 0.43
N ILE B 130 -23.76 -12.21 0.16
CA ILE B 130 -23.12 -12.62 -1.09
C ILE B 130 -23.82 -11.96 -2.27
N ARG B 131 -25.16 -11.92 -2.24
CA ARG B 131 -25.94 -11.42 -3.37
C ARG B 131 -25.75 -9.91 -3.56
N LYS B 132 -25.33 -9.21 -2.52
CA LYS B 132 -24.98 -7.79 -2.67
C LYS B 132 -23.59 -7.65 -3.27
N ILE B 133 -22.69 -8.57 -2.99
CA ILE B 133 -21.37 -8.48 -3.62
C ILE B 133 -21.41 -8.92 -5.07
N VAL B 134 -22.22 -9.92 -5.40
CA VAL B 134 -22.36 -10.46 -6.75
C VAL B 134 -23.74 -10.04 -7.24
N ARG B 135 -23.82 -8.96 -8.01
CA ARG B 135 -25.10 -8.36 -8.34
C ARG B 135 -25.74 -9.11 -9.49
N LYS B 136 -26.82 -9.82 -9.19
CA LYS B 136 -27.59 -10.54 -10.20
C LYS B 136 -28.90 -11.01 -9.57
N ASP B 137 -29.79 -10.06 -9.29
CA ASP B 137 -30.84 -10.28 -8.30
C ASP B 137 -31.97 -11.17 -8.82
N GLU B 138 -32.01 -11.51 -10.10
CA GLU B 138 -33.05 -12.41 -10.58
C GLU B 138 -32.81 -13.86 -10.17
N ASN B 139 -31.61 -14.19 -9.70
CA ASN B 139 -31.27 -15.55 -9.26
C ASN B 139 -30.98 -15.61 -7.76
N GLN B 140 -31.36 -16.70 -7.13
CA GLN B 140 -31.15 -16.81 -5.69
C GLN B 140 -29.76 -17.35 -5.32
N PHE B 141 -28.99 -17.76 -6.34
CA PHE B 141 -27.65 -18.30 -6.27
C PHE B 141 -26.74 -17.30 -7.01
N SER B 142 -25.46 -17.41 -6.74
CA SER B 142 -24.55 -16.41 -7.29
C SER B 142 -23.39 -17.09 -8.00
N TYR B 143 -23.21 -16.76 -9.28
CA TYR B 143 -22.06 -17.17 -10.09
C TYR B 143 -20.83 -16.30 -9.84
N VAL B 144 -19.70 -17.00 -9.62
CA VAL B 144 -18.34 -16.46 -9.57
C VAL B 144 -17.43 -17.29 -10.49
N ASP B 145 -16.41 -16.62 -11.08
CA ASP B 145 -15.34 -17.31 -11.79
C ASP B 145 -13.98 -16.64 -11.57
N SER B 146 -12.94 -17.23 -12.20
CA SER B 146 -11.56 -16.82 -11.91
C SER B 146 -11.27 -15.42 -12.44
N SER B 147 -11.98 -15.01 -13.48
CA SER B 147 -11.58 -13.81 -14.18
C SER B 147 -12.32 -12.56 -13.72
N MET B 148 -13.42 -12.72 -12.99
CA MET B 148 -14.16 -11.56 -12.53
C MET B 148 -13.28 -10.61 -11.73
N THR B 149 -13.45 -9.33 -11.98
CA THR B 149 -12.69 -8.28 -11.34
C THR B 149 -13.53 -7.58 -10.30
N THR B 150 -12.85 -6.86 -9.42
CA THR B 150 -13.50 -6.17 -8.32
C THR B 150 -13.80 -4.72 -8.67
N VAL B 151 -14.76 -4.13 -7.92
CA VAL B 151 -15.15 -2.74 -8.14
C VAL B 151 -13.93 -1.82 -8.00
N GLN B 152 -13.03 -2.13 -7.08
CA GLN B 152 -11.81 -1.35 -6.95
C GLN B 152 -10.82 -1.65 -8.08
N GLU B 153 -10.83 -2.88 -8.62
CA GLU B 153 -9.99 -3.18 -9.76
C GLU B 153 -10.46 -2.44 -11.01
N ASN B 154 -11.77 -2.25 -11.17
CA ASN B 154 -12.30 -1.46 -12.27
C ASN B 154 -12.06 0.03 -12.07
N GLU B 155 -11.82 0.46 -10.83
CA GLU B 155 -11.36 1.83 -10.57
C GLU B 155 -9.88 1.99 -10.92
N LEU B 156 -9.12 0.90 -10.89
CA LEU B 156 -7.70 0.93 -11.20
C LEU B 156 -7.38 0.15 -12.48
N SER B 161 -13.92 -4.49 -16.72
CA SER B 161 -14.45 -3.14 -16.90
C SER B 161 -15.98 -3.16 -16.97
N ASP B 162 -16.55 -4.37 -17.06
CA ASP B 162 -17.99 -4.56 -17.12
C ASP B 162 -18.57 -4.53 -15.71
N PRO B 163 -19.39 -3.52 -15.36
CA PRO B 163 -19.86 -3.41 -13.98
C PRO B 163 -20.82 -4.53 -13.56
N ALA B 164 -21.59 -5.10 -14.50
CA ALA B 164 -22.58 -6.11 -14.13
C ALA B 164 -21.96 -7.40 -13.64
N HIS B 165 -20.73 -7.68 -14.05
CA HIS B 165 -20.07 -8.96 -13.81
C HIS B 165 -18.90 -8.83 -12.86
N SER B 166 -18.96 -7.87 -11.96
CA SER B 166 -17.84 -7.58 -11.07
C SER B 166 -18.16 -8.13 -9.70
N LEU B 167 -17.14 -8.13 -8.83
CA LEU B 167 -17.30 -8.37 -7.40
C LEU B 167 -17.27 -7.04 -6.65
N ASN B 168 -18.37 -6.70 -6.00
N ASN B 168 -18.38 -6.76 -5.96
CA ASN B 168 -18.54 -5.41 -5.35
CA ASN B 168 -18.64 -5.50 -5.28
C ASN B 168 -18.16 -5.47 -3.87
C ASN B 168 -18.19 -5.57 -3.81
N TYR B 169 -16.92 -5.90 -3.62
CA TYR B 169 -16.40 -5.90 -2.27
C TYR B 169 -16.32 -4.46 -1.76
N THR B 170 -16.27 -4.34 -0.44
CA THR B 170 -16.15 -3.04 0.18
C THR B 170 -14.75 -2.50 -0.09
N VAL B 171 -14.67 -1.29 -0.67
CA VAL B 171 -13.39 -0.69 -1.00
C VAL B 171 -12.67 -0.20 0.26
N ILE B 172 -11.46 -0.73 0.46
CA ILE B 172 -10.52 -0.41 1.53
C ILE B 172 -9.26 0.15 0.85
N ASN B 173 -8.83 1.33 1.27
CA ASN B 173 -7.66 1.97 0.66
C ASN B 173 -6.98 2.81 1.73
N PHE B 174 -5.78 2.40 2.11
CA PHE B 174 -5.09 2.96 3.29
C PHE B 174 -4.67 4.39 3.07
N LYS B 175 -4.55 4.80 1.82
CA LYS B 175 -4.12 6.15 1.48
C LYS B 175 -5.25 6.85 0.77
N SER B 176 -6.33 7.10 1.50
CA SER B 176 -7.52 7.71 0.93
C SER B 176 -8.06 8.69 1.96
N ARG B 177 -8.91 9.61 1.50
CA ARG B 177 -9.48 10.58 2.42
C ARG B 177 -10.41 9.90 3.41
N GLU B 178 -10.99 8.78 3.00
CA GLU B 178 -11.85 8.06 3.91
C GLU B 178 -11.05 7.48 5.07
N ALA B 179 -9.81 7.08 4.80
CA ALA B 179 -9.00 6.40 5.80
C ALA B 179 -8.31 7.36 6.73
N ILE B 180 -8.20 8.63 6.32
CA ILE B 180 -7.32 9.62 6.95
C ILE B 180 -8.09 10.86 7.31
N ARG B 181 -8.15 11.17 8.63
CA ARG B 181 -8.81 12.37 9.11
C ARG B 181 -7.86 13.57 8.94
N PRO B 182 -8.36 14.69 8.40
CA PRO B 182 -7.54 15.90 8.39
C PRO B 182 -7.01 16.18 9.78
N GLY B 183 -5.72 16.43 9.84
CA GLY B 183 -5.09 16.76 11.08
C GLY B 183 -4.59 15.58 11.85
N HIS B 184 -4.95 14.35 11.47
CA HIS B 184 -4.45 13.14 12.12
C HIS B 184 -3.74 12.25 11.10
N GLU B 185 -3.11 12.89 10.12
CA GLU B 185 -2.50 12.17 9.01
C GLU B 185 -1.57 11.06 9.50
N MET B 186 -0.57 11.43 10.28
CA MET B 186 0.36 10.45 10.76
C MET B 186 -0.32 9.53 11.73
N GLU B 187 -1.12 10.10 12.63
CA GLU B 187 -1.82 9.24 13.61
C GLU B 187 -2.69 8.16 12.90
N ASP B 188 -3.46 8.56 11.90
CA ASP B 188 -4.43 7.64 11.30
C ASP B 188 -3.76 6.67 10.33
N PHE B 189 -2.56 7.00 9.84
CA PHE B 189 -1.91 6.14 8.88
C PHE B 189 -1.08 5.06 9.56
N LEU B 190 -0.53 5.35 10.74
CA LEU B 190 0.28 4.37 11.45
C LEU B 190 -0.56 3.51 12.37
N ASP B 191 -1.81 3.93 12.64
CA ASP B 191 -2.70 3.29 13.63
C ASP B 191 -4.11 3.43 13.06
N LYS B 192 -4.57 2.40 12.36
CA LYS B 192 -5.77 2.48 11.55
C LYS B 192 -7.05 2.21 12.35
N SER B 193 -7.02 2.38 13.68
CA SER B 193 -8.21 2.10 14.48
C SER B 193 -9.40 2.99 14.09
N TYR B 194 -9.17 4.24 13.66
N TYR B 194 -9.15 4.26 13.74
N TYR B 194 -9.17 4.25 13.74
CA TYR B 194 -10.37 5.03 13.36
CA TYR B 194 -10.26 5.10 13.29
CA TYR B 194 -10.33 5.05 13.36
C TYR B 194 -10.99 4.66 12.03
C TYR B 194 -10.98 4.41 12.14
C TYR B 194 -11.01 4.47 12.12
N TYR B 195 -10.20 4.09 11.12
CA TYR B 195 -10.75 3.58 9.87
C TYR B 195 -11.48 2.27 10.10
N LEU B 196 -10.89 1.34 10.85
CA LEU B 196 -11.55 0.04 11.15
C LEU B 196 -12.82 0.24 11.95
N ASN B 197 -12.70 0.96 13.08
CA ASN B 197 -13.76 0.93 14.08
C ASN B 197 -14.91 1.88 13.73
N THR B 198 -14.59 3.10 13.32
CA THR B 198 -15.61 4.10 13.02
C THR B 198 -16.03 4.06 11.56
N VAL B 199 -15.09 4.11 10.62
CA VAL B 199 -15.50 4.20 9.23
C VAL B 199 -16.13 2.88 8.79
N MET B 200 -15.39 1.80 8.99
CA MET B 200 -15.77 0.52 8.39
C MET B 200 -16.78 -0.22 9.25
N LEU B 201 -16.42 -0.50 10.50
CA LEU B 201 -17.30 -1.28 11.37
C LEU B 201 -18.56 -0.50 11.71
N GLN B 202 -18.45 0.65 12.38
N GLN B 202 -18.47 0.63 12.40
CA GLN B 202 -19.66 1.39 12.74
CA GLN B 202 -19.70 1.35 12.72
C GLN B 202 -20.35 1.94 11.50
C GLN B 202 -20.38 1.89 11.46
N GLY B 203 -19.61 2.41 10.52
CA GLY B 203 -20.19 3.07 9.37
C GLY B 203 -20.71 2.23 8.21
N ILE B 204 -19.93 1.27 7.75
CA ILE B 204 -20.24 0.52 6.55
C ILE B 204 -20.75 -0.89 6.88
N PHE B 205 -20.01 -1.66 7.70
CA PHE B 205 -20.41 -3.04 7.93
C PHE B 205 -21.44 -3.17 9.04
N LYS B 206 -21.48 -2.22 9.97
CA LYS B 206 -22.44 -2.17 11.07
C LYS B 206 -22.03 -3.09 12.24
N ASN B 207 -21.45 -4.25 11.95
CA ASN B 207 -20.95 -5.11 13.01
C ASN B 207 -19.80 -5.97 12.48
N SER B 208 -19.15 -6.71 13.38
CA SER B 208 -17.96 -7.46 13.05
C SER B 208 -18.31 -8.77 12.34
N SER B 209 -19.52 -9.29 12.57
CA SER B 209 -19.97 -10.46 11.85
C SER B 209 -20.00 -10.20 10.34
N ASN B 210 -20.62 -9.11 9.89
CA ASN B 210 -20.62 -8.77 8.47
C ASN B 210 -19.19 -8.58 7.92
N TYR B 211 -18.33 -7.87 8.68
CA TYR B 211 -16.94 -7.70 8.28
C TYR B 211 -16.32 -9.07 8.06
N PHE B 212 -16.46 -9.93 9.08
CA PHE B 212 -15.81 -11.23 8.98
C PHE B 212 -16.41 -12.03 7.84
N GLY B 213 -17.68 -11.78 7.51
CA GLY B 213 -18.37 -12.54 6.47
C GLY B 213 -17.82 -12.23 5.08
N GLU B 214 -17.57 -10.94 4.82
CA GLU B 214 -16.91 -10.53 3.58
C GLU B 214 -15.50 -11.10 3.50
N LEU B 215 -14.73 -10.94 4.58
CA LEU B 215 -13.41 -11.55 4.64
C LEU B 215 -13.43 -13.04 4.34
N GLN B 216 -14.39 -13.79 4.91
CA GLN B 216 -14.32 -15.22 4.64
C GLN B 216 -14.69 -15.53 3.17
N PHE B 217 -15.64 -14.76 2.64
CA PHE B 217 -16.12 -14.96 1.26
C PHE B 217 -14.99 -14.65 0.28
N ALA B 218 -14.24 -13.59 0.60
CA ALA B 218 -13.11 -13.18 -0.22
C ALA B 218 -12.08 -14.29 -0.24
N PHE B 219 -11.78 -14.84 0.93
CA PHE B 219 -10.80 -15.95 1.00
C PHE B 219 -11.26 -17.13 0.18
N LEU B 220 -12.55 -17.53 0.32
CA LEU B 220 -12.96 -18.76 -0.39
C LEU B 220 -12.92 -18.58 -1.92
N ASN B 221 -13.31 -17.39 -2.39
CA ASN B 221 -13.30 -17.13 -3.81
CA ASN B 221 -13.30 -17.12 -3.82
C ASN B 221 -11.87 -17.17 -4.35
N ALA B 222 -10.93 -16.62 -3.57
CA ALA B 222 -9.51 -16.66 -3.88
C ALA B 222 -9.02 -18.10 -4.03
N MET B 223 -9.39 -18.98 -3.06
CA MET B 223 -8.91 -20.37 -3.02
C MET B 223 -9.59 -21.22 -4.08
N PHE B 224 -10.88 -21.11 -4.15
CA PHE B 224 -11.59 -22.00 -5.05
C PHE B 224 -11.44 -21.56 -6.49
N PHE B 225 -11.40 -20.25 -6.81
CA PHE B 225 -11.40 -19.82 -8.21
C PHE B 225 -10.09 -19.16 -8.63
N GLY B 226 -9.12 -19.11 -7.75
CA GLY B 226 -7.95 -18.31 -8.05
C GLY B 226 -8.28 -16.89 -8.44
N ASN B 227 -9.27 -16.28 -7.79
CA ASN B 227 -9.69 -14.92 -8.13
C ASN B 227 -8.77 -13.93 -7.44
N TYR B 228 -8.01 -13.22 -8.27
CA TYR B 228 -6.91 -12.44 -7.77
C TYR B 228 -7.40 -11.31 -6.90
N GLY B 229 -8.50 -10.68 -7.32
CA GLY B 229 -9.03 -9.52 -6.59
C GLY B 229 -9.65 -9.86 -5.25
N SER B 230 -10.27 -11.03 -5.18
CA SER B 230 -10.66 -11.55 -3.86
C SER B 230 -9.46 -11.77 -2.97
N SER B 231 -8.40 -12.37 -3.49
CA SER B 231 -7.18 -12.51 -2.70
C SER B 231 -6.72 -11.15 -2.19
N LEU B 232 -6.67 -10.12 -3.04
CA LEU B 232 -6.31 -8.79 -2.55
C LEU B 232 -7.23 -8.32 -1.40
N GLN B 233 -8.56 -8.49 -1.57
CA GLN B 233 -9.52 -8.07 -0.55
C GLN B 233 -9.31 -8.78 0.80
N TRP B 234 -9.07 -10.09 0.77
CA TRP B 234 -8.85 -10.86 2.01
C TRP B 234 -7.65 -10.32 2.78
N HIS B 235 -6.55 -10.09 2.05
CA HIS B 235 -5.34 -9.55 2.69
C HIS B 235 -5.62 -8.14 3.21
N ALA B 236 -6.38 -7.37 2.43
CA ALA B 236 -6.65 -6.02 2.88
C ALA B 236 -7.35 -6.07 4.22
N MET B 237 -8.36 -6.92 4.34
CA MET B 237 -9.21 -6.85 5.52
C MET B 237 -8.49 -7.40 6.74
N ILE B 238 -7.56 -8.34 6.54
CA ILE B 238 -6.66 -8.76 7.61
C ILE B 238 -5.78 -7.59 8.08
N GLU B 239 -5.14 -6.94 7.10
CA GLU B 239 -4.12 -5.94 7.42
C GLU B 239 -4.73 -4.78 8.17
N LEU B 240 -5.96 -4.39 7.80
CA LEU B 240 -6.65 -3.30 8.48
C LEU B 240 -6.81 -3.59 9.97
N ILE B 241 -7.21 -4.81 10.29
CA ILE B 241 -7.28 -5.20 11.70
C ILE B 241 -5.91 -5.23 12.34
N CYS B 242 -4.97 -5.93 11.74
CA CYS B 242 -3.67 -6.06 12.37
C CYS B 242 -2.98 -4.72 12.59
N SER B 243 -3.26 -3.73 11.76
CA SER B 243 -2.65 -2.41 11.85
C SER B 243 -3.45 -1.43 12.66
N SER B 244 -4.44 -1.89 13.43
CA SER B 244 -5.23 -1.05 14.33
C SER B 244 -4.74 -1.35 15.75
N ALA B 245 -4.32 -0.30 16.49
CA ALA B 245 -3.88 -0.57 17.86
C ALA B 245 -5.04 -0.97 18.75
N THR B 246 -6.26 -0.53 18.41
CA THR B 246 -7.44 -0.72 19.27
C THR B 246 -8.51 -1.57 18.61
N VAL B 247 -8.67 -2.80 19.05
CA VAL B 247 -9.54 -3.76 18.37
C VAL B 247 -10.30 -4.55 19.44
N PRO B 248 -11.61 -4.59 19.42
CA PRO B 248 -12.32 -5.35 20.47
C PRO B 248 -11.67 -6.72 20.67
N LYS B 249 -11.60 -7.15 21.92
CA LYS B 249 -10.89 -8.38 22.22
C LYS B 249 -11.54 -9.58 21.52
N HIS B 250 -12.88 -9.67 21.57
CA HIS B 250 -13.60 -10.75 20.93
C HIS B 250 -13.32 -10.79 19.42
N MET B 251 -13.06 -9.64 18.79
CA MET B 251 -12.79 -9.72 17.36
C MET B 251 -11.44 -10.36 17.09
N LEU B 252 -10.44 -10.08 17.91
CA LEU B 252 -9.13 -10.67 17.74
C LEU B 252 -9.16 -12.15 18.00
N ASP B 253 -9.89 -12.56 19.02
CA ASP B 253 -9.91 -13.98 19.28
C ASP B 253 -10.57 -14.73 18.13
N LYS B 254 -11.64 -14.15 17.58
CA LYS B 254 -12.31 -14.78 16.45
C LYS B 254 -11.45 -14.72 15.19
N LEU B 255 -10.80 -13.60 14.92
CA LEU B 255 -9.93 -13.48 13.76
C LEU B 255 -8.86 -14.56 13.80
N ASP B 256 -8.26 -14.75 14.98
CA ASP B 256 -7.26 -15.81 15.08
C ASP B 256 -7.82 -17.17 14.63
N GLU B 257 -9.04 -17.50 15.06
CA GLU B 257 -9.63 -18.79 14.69
C GLU B 257 -9.94 -18.88 13.19
N ILE B 258 -10.60 -17.85 12.70
CA ILE B 258 -10.90 -17.75 11.28
C ILE B 258 -9.68 -18.04 10.43
N LEU B 259 -8.57 -17.31 10.67
CA LEU B 259 -7.37 -17.41 9.83
C LEU B 259 -6.72 -18.77 10.01
N TYR B 260 -6.77 -19.29 11.24
CA TYR B 260 -6.23 -20.61 11.52
C TYR B 260 -6.82 -21.62 10.56
N TYR B 261 -8.13 -21.57 10.41
CA TYR B 261 -8.78 -22.59 9.57
C TYR B 261 -8.54 -22.33 8.09
N GLN B 262 -8.48 -21.07 7.72
CA GLN B 262 -8.14 -20.78 6.33
C GLN B 262 -6.75 -21.29 6.01
N ILE B 263 -5.76 -20.99 6.88
CA ILE B 263 -4.41 -21.49 6.62
C ILE B 263 -4.41 -23.01 6.60
N LYS B 264 -5.12 -23.66 7.53
CA LYS B 264 -5.18 -25.12 7.53
C LYS B 264 -5.74 -25.67 6.21
N THR B 265 -6.70 -25.01 5.62
CA THR B 265 -7.39 -25.56 4.48
C THR B 265 -6.68 -25.28 3.17
N LEU B 266 -5.87 -24.24 3.13
CA LEU B 266 -5.19 -23.87 1.89
C LEU B 266 -4.37 -25.02 1.33
N PRO B 267 -4.51 -25.35 0.05
CA PRO B 267 -3.60 -26.33 -0.55
C PRO B 267 -2.15 -25.91 -0.39
N GLU B 268 -1.35 -26.85 0.10
CA GLU B 268 0.05 -26.57 0.38
C GLU B 268 0.77 -26.05 -0.87
N GLN B 269 0.45 -26.61 -2.04
CA GLN B 269 1.15 -26.22 -3.26
C GLN B 269 0.69 -24.87 -3.82
N TYR B 270 -0.40 -24.32 -3.32
CA TYR B 270 -0.89 -23.03 -3.78
C TYR B 270 -0.49 -21.89 -2.86
N SER B 271 0.37 -22.16 -1.88
CA SER B 271 0.70 -21.15 -0.89
C SER B 271 1.45 -19.99 -1.52
N ASP B 272 2.27 -20.26 -2.53
CA ASP B 272 3.14 -19.24 -3.08
C ASP B 272 2.34 -18.14 -3.77
N ILE B 273 1.12 -18.42 -4.22
CA ILE B 273 0.37 -17.43 -4.98
C ILE B 273 -0.79 -16.83 -4.19
N LEU B 274 -1.27 -17.56 -3.20
CA LEU B 274 -2.43 -17.10 -2.45
C LEU B 274 -2.07 -16.36 -1.18
N LEU B 275 -0.80 -16.37 -0.79
CA LEU B 275 -0.38 -15.74 0.44
C LEU B 275 0.64 -14.67 0.12
N ASN B 276 0.39 -13.48 0.65
CA ASN B 276 1.26 -12.30 0.43
C ASN B 276 2.28 -12.19 1.55
N GLU B 277 3.53 -12.55 1.24
CA GLU B 277 4.64 -12.45 2.16
C GLU B 277 4.59 -11.17 2.99
N ARG B 278 4.43 -10.01 2.34
CA ARG B 278 4.55 -8.77 3.09
C ARG B 278 3.45 -8.64 4.15
N VAL B 279 2.21 -8.95 3.76
CA VAL B 279 1.11 -8.76 4.68
C VAL B 279 1.29 -9.64 5.91
N TRP B 280 1.70 -10.91 5.70
CA TRP B 280 1.70 -11.88 6.79
C TRP B 280 2.86 -11.63 7.74
N ASN B 281 4.02 -11.28 7.19
CA ASN B 281 5.14 -10.93 8.05
C ASN B 281 4.82 -9.67 8.84
N ILE B 282 4.15 -8.70 8.20
CA ILE B 282 3.79 -7.49 8.93
C ILE B 282 2.80 -7.84 10.03
N CYS B 283 1.73 -8.54 9.67
CA CYS B 283 0.70 -8.89 10.66
C CYS B 283 1.27 -9.72 11.81
N LEU B 284 2.12 -10.69 11.51
CA LEU B 284 2.53 -11.61 12.57
C LEU B 284 3.68 -11.08 13.40
N TYR B 285 4.45 -10.13 12.90
CA TYR B 285 5.74 -9.81 13.48
C TYR B 285 5.99 -8.33 13.70
N SER B 286 5.28 -7.42 13.03
CA SER B 286 5.48 -5.99 13.23
C SER B 286 4.25 -5.24 13.71
N SER B 287 3.06 -5.79 13.52
CA SER B 287 1.84 -5.03 13.66
C SER B 287 1.48 -4.92 15.13
N PHE B 288 0.58 -3.99 15.41
CA PHE B 288 0.04 -3.91 16.74
C PHE B 288 -0.36 -5.29 17.23
N GLN B 289 -0.89 -6.13 16.34
CA GLN B 289 -1.53 -7.38 16.77
C GLN B 289 -0.62 -8.59 16.60
N LYS B 290 0.70 -8.33 16.50
CA LYS B 290 1.71 -9.37 16.34
C LYS B 290 1.73 -10.41 17.45
N ASN B 291 1.18 -10.12 18.62
CA ASN B 291 1.18 -11.06 19.73
C ASN B 291 -0.22 -11.58 20.01
N SER B 292 -1.16 -11.32 19.11
CA SER B 292 -2.56 -11.56 19.40
C SER B 292 -3.17 -12.73 18.63
N LEU B 293 -2.41 -13.34 17.73
CA LEU B 293 -2.89 -14.38 16.78
C LEU B 293 -2.08 -15.65 17.02
N HIS B 294 -2.32 -16.26 18.18
CA HIS B 294 -1.43 -17.32 18.62
C HIS B 294 -1.65 -18.57 17.79
N ASN B 295 -2.92 -18.91 17.57
CA ASN B 295 -3.21 -20.06 16.72
C ASN B 295 -2.71 -19.82 15.28
N THR B 296 -2.99 -18.67 14.70
CA THR B 296 -2.63 -18.41 13.30
C THR B 296 -1.11 -18.39 13.12
N GLU B 297 -0.40 -17.70 14.01
CA GLU B 297 1.06 -17.68 13.96
C GLU B 297 1.64 -19.09 14.08
N LYS B 298 1.08 -19.96 14.95
CA LYS B 298 1.68 -21.29 15.17
C LYS B 298 1.53 -22.18 13.95
N ILE B 299 0.37 -22.11 13.29
CA ILE B 299 0.20 -22.95 12.12
C ILE B 299 0.98 -22.37 10.93
N MET B 300 1.08 -21.07 10.87
CA MET B 300 1.85 -20.47 9.78
C MET B 300 3.31 -20.87 9.86
N GLU B 301 3.93 -20.70 11.04
CA GLU B 301 5.33 -21.07 11.24
C GLU B 301 5.57 -22.58 11.07
N ASN B 302 4.58 -23.43 11.36
CA ASN B 302 4.89 -24.85 11.22
C ASN B 302 4.61 -25.40 9.82
N LYS B 303 3.80 -24.71 9.01
CA LYS B 303 3.43 -25.19 7.68
C LYS B 303 4.13 -24.42 6.57
N TYR B 304 4.28 -23.11 6.71
CA TYR B 304 4.92 -22.27 5.68
C TYR B 304 5.99 -21.39 6.31
N PRO B 305 7.01 -21.98 6.95
CA PRO B 305 8.11 -21.16 7.48
C PRO B 305 8.96 -20.55 6.38
N GLU B 306 8.83 -21.05 5.15
CA GLU B 306 9.47 -20.42 4.00
C GLU B 306 8.98 -18.99 3.84
N LEU B 307 7.66 -18.82 3.74
CA LEU B 307 7.08 -17.50 3.55
C LEU B 307 7.57 -16.49 4.57
N LEU B 308 8.06 -16.93 5.71
CA LEU B 308 8.47 -16.03 6.79
C LEU B 308 9.97 -16.20 7.08
N1 VV5 C . 12.92 36.23 -4.27
C7 VV5 C . 11.32 34.64 -5.30
C8 VV5 C . 11.44 33.63 -4.28
C9 VV5 C . 10.48 32.89 -3.85
C1 VV5 C . 14.85 36.76 -1.30
C5 VV5 C . 13.15 36.46 -2.99
C6 VV5 C . 11.57 36.01 -4.78
C4 VV5 C . 17.13 36.74 -2.05
C3 VV5 C . 15.57 36.68 -3.58
C2 VV5 C . 14.55 36.68 -2.60
O VV5 C . 12.31 36.44 -2.18
N VV5 C . 16.85 36.69 -3.33
C VV5 C . 16.12 36.79 -1.02
S VV5 C . 12.89 33.28 -3.55
C11 VV5 C . 12.17 32.13 -2.67
C10 VV5 C . 10.88 31.99 -2.91
#